data_8AW4
#
_entry.id   8AW4
#
_cell.length_a   124.330
_cell.length_b   124.330
_cell.length_c   110.590
_cell.angle_alpha   90.000
_cell.angle_beta   90.000
_cell.angle_gamma   120.000
#
_symmetry.space_group_name_H-M   'H 3 2'
#
loop_
_entity.id
_entity.type
_entity.pdbx_description
1 polymer 'ALPHAREP bB-E3'
2 polymer 'ALPHAREP bGFPD-YY'
3 water water
#
loop_
_entity_poly.entity_id
_entity_poly.type
_entity_poly.pdbx_seq_one_letter_code
_entity_poly.pdbx_strand_id
1 'polypeptide(L)'
;MRGSHHHHHHTDPEKVEMYIKNLQDDSIVVRYSAASALGKIGDERAVEPLIKALKDEDGYVRQAAALALGQIGDERAVEP
LIKALKDEDSTVRIRAARALGKIGDERAVEPLIKALKDEDWQVRLSAASALGKIGDERAVEPLIKALKDEDPSVRMAAAN
ALGQIGGERVRAAMEKLAETGTGFARKVAVNYLETHKSLIS
;
A
2 'polypeptide(L)'
;MRGSHHHHHHTTDPEKVDMYIENLRDQDMPVRYDAADALGKIGDERAVPALIEALKDSDPNVRASAADALGKLGDPEAVE
ALIYALRDKDGYVRFSAALALGKIGDAAAVYPLIQALEDEDSRVRWSAAYALGQIGDPRAEEALRRAREDSDWQVQKAAE
VAEGAIR
;
B
#
# COMPACT_ATOMS: atom_id res chain seq x y z
N HIS A 10 18.21 -10.96 17.35
CA HIS A 10 18.97 -10.13 18.28
C HIS A 10 18.09 -8.99 18.79
N THR A 11 18.15 -8.71 20.12
CA THR A 11 17.32 -7.66 20.74
C THR A 11 18.01 -6.97 21.94
N ASP A 12 17.41 -5.85 22.39
CA ASP A 12 17.81 -5.04 23.55
C ASP A 12 16.55 -4.98 24.45
N PRO A 13 16.48 -5.72 25.58
CA PRO A 13 15.25 -5.71 26.40
C PRO A 13 14.90 -4.35 27.05
N GLU A 14 15.94 -3.52 27.30
CA GLU A 14 15.81 -2.19 27.89
C GLU A 14 15.10 -1.22 26.92
N LYS A 15 15.54 -1.21 25.65
CA LYS A 15 15.01 -0.36 24.57
C LYS A 15 13.54 -0.69 24.29
N VAL A 16 13.23 -2.01 24.17
CA VAL A 16 11.88 -2.53 23.92
C VAL A 16 10.90 -2.03 25.00
N GLU A 17 11.27 -2.14 26.29
CA GLU A 17 10.44 -1.65 27.40
C GLU A 17 10.37 -0.13 27.47
N MET A 18 11.44 0.57 27.02
CA MET A 18 11.48 2.04 26.99
C MET A 18 10.44 2.55 25.95
N TYR A 19 10.36 1.90 24.78
CA TYR A 19 9.43 2.23 23.72
C TYR A 19 7.99 1.85 24.05
N ILE A 20 7.79 0.80 24.86
CA ILE A 20 6.47 0.37 25.32
C ILE A 20 5.87 1.46 26.23
N LYS A 21 6.70 2.02 27.13
CA LYS A 21 6.32 3.10 28.05
C LYS A 21 6.02 4.39 27.29
N ASN A 22 6.75 4.64 26.17
CA ASN A 22 6.59 5.81 25.31
C ASN A 22 5.24 5.84 24.54
N LEU A 23 4.53 4.68 24.48
CA LEU A 23 3.20 4.55 23.86
C LEU A 23 2.11 5.16 24.77
N GLN A 24 2.47 5.47 26.03
CA GLN A 24 1.57 6.08 27.02
C GLN A 24 1.91 7.57 27.26
N ASP A 25 2.86 8.13 26.46
CA ASP A 25 3.33 9.53 26.51
C ASP A 25 2.27 10.49 25.98
N ASP A 26 2.26 11.72 26.53
CA ASP A 26 1.34 12.80 26.14
C ASP A 26 1.57 13.27 24.71
N SER A 27 2.83 13.27 24.27
CA SER A 27 3.21 13.71 22.92
C SER A 27 2.92 12.67 21.85
N ILE A 28 2.12 13.07 20.83
CA ILE A 28 1.72 12.27 19.66
C ILE A 28 2.98 11.74 18.93
N VAL A 29 3.96 12.62 18.81
CA VAL A 29 5.25 12.46 18.15
C VAL A 29 6.15 11.38 18.85
N VAL A 30 6.11 11.30 20.19
CA VAL A 30 6.85 10.32 20.99
C VAL A 30 6.15 8.95 20.84
N ARG A 31 4.82 8.98 20.79
CA ARG A 31 3.96 7.82 20.67
C ARG A 31 4.14 7.17 19.30
N TYR A 32 4.19 8.01 18.24
CA TYR A 32 4.41 7.65 16.85
C TYR A 32 5.80 7.04 16.63
N SER A 33 6.84 7.64 17.23
CA SER A 33 8.23 7.17 17.13
C SER A 33 8.41 5.81 17.81
N ALA A 34 7.72 5.61 18.94
CA ALA A 34 7.74 4.39 19.73
C ALA A 34 7.09 3.24 18.99
N ALA A 35 5.95 3.50 18.31
CA ALA A 35 5.24 2.47 17.56
C ALA A 35 6.07 2.08 16.34
N SER A 36 6.71 3.07 15.68
CA SER A 36 7.59 2.88 14.54
C SER A 36 8.79 2.00 14.95
N ALA A 37 9.53 2.41 16.01
CA ALA A 37 10.69 1.70 16.55
C ALA A 37 10.40 0.23 16.89
N LEU A 38 9.27 -0.05 17.59
CA LEU A 38 8.83 -1.40 17.98
C LEU A 38 8.52 -2.31 16.81
N GLY A 39 8.12 -1.73 15.68
CA GLY A 39 7.81 -2.48 14.46
C GLY A 39 9.06 -3.00 13.78
N LYS A 40 10.11 -2.16 13.74
CA LYS A 40 11.42 -2.45 13.20
C LYS A 40 12.12 -3.52 14.06
N ILE A 41 11.89 -3.48 15.40
CA ILE A 41 12.46 -4.45 16.36
C ILE A 41 11.85 -5.83 16.15
N GLY A 42 10.52 -5.91 16.13
CA GLY A 42 9.80 -7.16 15.91
C GLY A 42 9.62 -8.04 17.12
N ASP A 43 9.81 -7.49 18.34
CA ASP A 43 9.66 -8.26 19.57
C ASP A 43 8.17 -8.40 19.94
N GLU A 44 7.71 -9.65 20.15
CA GLU A 44 6.32 -10.02 20.48
C GLU A 44 5.82 -9.45 21.83
N ARG A 45 6.74 -8.92 22.67
CA ARG A 45 6.46 -8.30 23.96
C ARG A 45 5.62 -7.01 23.74
N ALA A 46 5.81 -6.37 22.56
CA ALA A 46 5.15 -5.14 22.16
C ALA A 46 3.79 -5.34 21.46
N VAL A 47 3.32 -6.59 21.28
CA VAL A 47 2.05 -6.86 20.58
C VAL A 47 0.82 -6.31 21.34
N GLU A 48 0.66 -6.65 22.64
CA GLU A 48 -0.46 -6.17 23.47
C GLU A 48 -0.46 -4.62 23.54
N PRO A 49 0.67 -3.91 23.85
CA PRO A 49 0.63 -2.43 23.84
C PRO A 49 0.33 -1.79 22.48
N LEU A 50 0.79 -2.40 21.38
CA LEU A 50 0.53 -1.89 20.02
C LEU A 50 -0.92 -2.07 19.62
N ILE A 51 -1.56 -3.16 20.11
CA ILE A 51 -2.98 -3.45 19.90
C ILE A 51 -3.86 -2.34 20.53
N LYS A 52 -3.41 -1.79 21.67
CA LYS A 52 -4.09 -0.69 22.37
C LYS A 52 -3.82 0.65 21.63
N ALA A 53 -2.59 0.83 21.07
CA ALA A 53 -2.19 2.01 20.29
C ALA A 53 -2.96 2.09 18.96
N LEU A 54 -3.54 0.94 18.52
CA LEU A 54 -4.39 0.83 17.34
C LEU A 54 -5.71 1.59 17.56
N LYS A 55 -6.06 1.87 18.82
CA LYS A 55 -7.28 2.56 19.27
C LYS A 55 -7.01 4.03 19.70
N ASP A 56 -5.76 4.50 19.58
CA ASP A 56 -5.32 5.85 19.92
C ASP A 56 -6.15 6.96 19.27
N GLU A 57 -6.29 8.10 19.96
CA GLU A 57 -7.03 9.26 19.46
C GLU A 57 -6.42 9.87 18.19
N ASP A 58 -5.08 9.83 18.05
CA ASP A 58 -4.39 10.40 16.88
C ASP A 58 -4.22 9.36 15.78
N GLY A 59 -4.52 9.76 14.55
CA GLY A 59 -4.48 8.93 13.35
C GLY A 59 -3.10 8.41 12.99
N TYR A 60 -2.05 9.27 13.11
CA TYR A 60 -0.65 8.89 12.83
C TYR A 60 -0.18 7.79 13.75
N VAL A 61 -0.54 7.87 15.03
CA VAL A 61 -0.20 6.86 16.03
C VAL A 61 -0.89 5.54 15.67
N ARG A 62 -2.13 5.58 15.12
CA ARG A 62 -2.84 4.36 14.73
C ARG A 62 -2.16 3.70 13.53
N GLN A 63 -1.77 4.52 12.51
CA GLN A 63 -1.05 4.12 11.28
C GLN A 63 0.24 3.38 11.62
N ALA A 64 1.07 3.99 12.50
CA ALA A 64 2.34 3.41 12.91
C ALA A 64 2.16 2.10 13.66
N ALA A 65 1.11 2.01 14.51
CA ALA A 65 0.75 0.83 15.29
C ALA A 65 0.31 -0.33 14.38
N ALA A 66 -0.46 -0.02 13.30
CA ALA A 66 -0.96 -1.00 12.33
C ALA A 66 0.20 -1.57 11.51
N LEU A 67 1.09 -0.69 11.01
CA LEU A 67 2.30 -1.05 10.26
C LEU A 67 3.20 -1.97 11.12
N ALA A 68 3.45 -1.56 12.39
CA ALA A 68 4.25 -2.27 13.38
C ALA A 68 3.76 -3.70 13.66
N LEU A 69 2.43 -3.88 13.87
CA LEU A 69 1.81 -5.17 14.14
C LEU A 69 1.93 -6.16 12.99
N GLY A 70 1.96 -5.63 11.76
CA GLY A 70 2.12 -6.41 10.53
C GLY A 70 3.55 -6.88 10.39
N GLN A 71 4.50 -6.00 10.79
CA GLN A 71 5.93 -6.24 10.78
C GLN A 71 6.34 -7.30 11.80
N ILE A 72 5.61 -7.38 12.93
CA ILE A 72 5.85 -8.39 13.97
C ILE A 72 5.26 -9.73 13.52
N GLY A 73 4.07 -9.68 12.91
CA GLY A 73 3.40 -10.85 12.37
C GLY A 73 2.78 -11.79 13.39
N ASP A 74 2.46 -11.27 14.58
CA ASP A 74 1.81 -12.06 15.63
C ASP A 74 0.33 -12.18 15.32
N GLU A 75 -0.22 -13.41 15.42
CA GLU A 75 -1.63 -13.72 15.15
C GLU A 75 -2.60 -13.12 16.17
N ARG A 76 -2.09 -12.65 17.33
CA ARG A 76 -2.89 -11.99 18.38
C ARG A 76 -3.52 -10.71 17.82
N ALA A 77 -2.84 -10.10 16.82
CA ALA A 77 -3.20 -8.88 16.12
C ALA A 77 -4.22 -9.05 14.98
N VAL A 78 -4.60 -10.29 14.62
CA VAL A 78 -5.54 -10.57 13.51
C VAL A 78 -6.91 -9.89 13.73
N GLU A 79 -7.57 -10.13 14.88
CA GLU A 79 -8.87 -9.51 15.19
C GLU A 79 -8.79 -7.96 15.38
N PRO A 80 -7.82 -7.40 16.14
CA PRO A 80 -7.73 -5.92 16.23
C PRO A 80 -7.48 -5.25 14.88
N LEU A 81 -6.72 -5.93 13.98
CA LEU A 81 -6.45 -5.40 12.63
C LEU A 81 -7.66 -5.50 11.71
N ILE A 82 -8.55 -6.50 11.96
CA ILE A 82 -9.81 -6.66 11.22
C ILE A 82 -10.72 -5.47 11.57
N LYS A 83 -10.70 -5.04 12.85
CA LYS A 83 -11.48 -3.89 13.32
C LYS A 83 -10.91 -2.59 12.73
N ALA A 84 -9.55 -2.47 12.64
CA ALA A 84 -8.85 -1.32 12.06
C ALA A 84 -9.18 -1.11 10.55
N LEU A 85 -9.75 -2.12 9.89
CA LEU A 85 -10.21 -2.01 8.49
C LEU A 85 -11.47 -1.11 8.40
N LYS A 86 -12.09 -0.80 9.57
CA LYS A 86 -13.27 0.05 9.71
C LYS A 86 -12.93 1.49 10.19
N ASP A 87 -11.62 1.79 10.41
CA ASP A 87 -11.07 3.07 10.85
C ASP A 87 -11.44 4.25 9.93
N GLU A 88 -11.67 5.45 10.52
CA GLU A 88 -12.00 6.67 9.78
C GLU A 88 -10.84 7.15 8.88
N ASP A 89 -9.57 6.86 9.27
CA ASP A 89 -8.40 7.23 8.47
C ASP A 89 -8.06 6.15 7.43
N SER A 90 -8.04 6.55 6.14
CA SER A 90 -7.75 5.70 5.00
C SER A 90 -6.37 5.06 5.03
N THR A 91 -5.33 5.77 5.53
CA THR A 91 -3.99 5.18 5.58
C THR A 91 -3.91 4.12 6.75
N VAL A 92 -4.77 4.21 7.79
CA VAL A 92 -4.87 3.19 8.86
C VAL A 92 -5.50 1.92 8.23
N ARG A 93 -6.51 2.10 7.34
CA ARG A 93 -7.20 1.00 6.65
C ARG A 93 -6.26 0.28 5.68
N ILE A 94 -5.35 1.04 5.02
CA ILE A 94 -4.34 0.50 4.09
C ILE A 94 -3.39 -0.41 4.86
N ARG A 95 -2.84 0.10 5.97
CA ARG A 95 -1.87 -0.62 6.79
C ARG A 95 -2.47 -1.82 7.48
N ALA A 96 -3.76 -1.75 7.84
CA ALA A 96 -4.51 -2.86 8.45
C ALA A 96 -4.61 -4.01 7.43
N ALA A 97 -4.89 -3.68 6.16
CA ALA A 97 -5.01 -4.63 5.07
C ALA A 97 -3.67 -5.31 4.76
N ARG A 98 -2.59 -4.52 4.61
CA ARG A 98 -1.24 -5.02 4.30
C ARG A 98 -0.66 -5.84 5.45
N ALA A 99 -0.96 -5.42 6.69
CA ALA A 99 -0.60 -6.13 7.91
C ALA A 99 -1.30 -7.50 7.93
N LEU A 100 -2.58 -7.54 7.52
CA LEU A 100 -3.36 -8.77 7.44
C LEU A 100 -2.92 -9.70 6.30
N GLY A 101 -2.31 -9.12 5.25
CA GLY A 101 -1.77 -9.86 4.12
C GLY A 101 -0.48 -10.57 4.50
N LYS A 102 0.39 -9.86 5.24
CA LYS A 102 1.68 -10.31 5.79
C LYS A 102 1.50 -11.52 6.74
N ILE A 103 0.54 -11.43 7.70
CA ILE A 103 0.24 -12.49 8.68
C ILE A 103 -0.31 -13.75 7.95
N GLY A 104 -1.16 -13.53 6.96
CA GLY A 104 -1.73 -14.59 6.13
C GLY A 104 -2.93 -15.34 6.70
N ASP A 105 -3.47 -14.90 7.86
CA ASP A 105 -4.63 -15.56 8.48
C ASP A 105 -5.89 -15.44 7.61
N GLU A 106 -6.62 -16.57 7.48
CA GLU A 106 -7.83 -16.75 6.70
C GLU A 106 -9.04 -15.95 7.27
N ARG A 107 -9.03 -15.62 8.58
CA ARG A 107 -10.06 -14.84 9.27
C ARG A 107 -10.24 -13.44 8.64
N ALA A 108 -9.17 -12.94 7.99
CA ALA A 108 -9.12 -11.64 7.31
C ALA A 108 -9.70 -11.63 5.88
N VAL A 109 -9.97 -12.81 5.29
CA VAL A 109 -10.44 -12.94 3.91
C VAL A 109 -11.75 -12.19 3.66
N GLU A 110 -12.83 -12.54 4.39
CA GLU A 110 -14.13 -11.87 4.24
C GLU A 110 -14.07 -10.36 4.57
N PRO A 111 -13.39 -9.89 5.66
CA PRO A 111 -13.27 -8.43 5.87
C PRO A 111 -12.48 -7.70 4.77
N LEU A 112 -11.49 -8.38 4.15
CA LEU A 112 -10.70 -7.80 3.04
C LEU A 112 -11.51 -7.69 1.78
N ILE A 113 -12.45 -8.63 1.59
CA ILE A 113 -13.39 -8.69 0.46
C ILE A 113 -14.29 -7.45 0.53
N LYS A 114 -14.73 -7.09 1.75
CA LYS A 114 -15.54 -5.89 1.98
C LYS A 114 -14.66 -4.65 1.70
N ALA A 115 -13.39 -4.68 2.16
CA ALA A 115 -12.41 -3.60 1.95
C ALA A 115 -12.08 -3.37 0.45
N LEU A 116 -12.39 -4.35 -0.43
CA LEU A 116 -12.21 -4.20 -1.87
C LEU A 116 -13.28 -3.25 -2.45
N LYS A 117 -14.29 -2.89 -1.63
CA LYS A 117 -15.39 -2.00 -2.00
C LYS A 117 -15.35 -0.67 -1.22
N ASP A 118 -14.19 -0.34 -0.65
CA ASP A 118 -13.98 0.89 0.11
C ASP A 118 -14.08 2.10 -0.82
N GLU A 119 -14.54 3.25 -0.30
CA GLU A 119 -14.67 4.50 -1.05
C GLU A 119 -13.31 5.03 -1.56
N ASP A 120 -12.23 4.75 -0.80
CA ASP A 120 -10.87 5.17 -1.12
C ASP A 120 -10.14 4.14 -2.02
N TRP A 121 -9.63 4.61 -3.18
CA TRP A 121 -8.93 3.79 -4.18
C TRP A 121 -7.68 3.10 -3.60
N GLN A 122 -6.90 3.80 -2.73
CA GLN A 122 -5.68 3.25 -2.17
C GLN A 122 -5.94 2.11 -1.17
N VAL A 123 -7.09 2.14 -0.48
CA VAL A 123 -7.51 1.07 0.44
C VAL A 123 -7.86 -0.18 -0.42
N ARG A 124 -8.55 0.04 -1.56
CA ARG A 124 -8.97 -1.02 -2.48
C ARG A 124 -7.74 -1.68 -3.08
N LEU A 125 -6.70 -0.86 -3.34
CA LEU A 125 -5.44 -1.31 -3.87
C LEU A 125 -4.76 -2.27 -2.88
N SER A 126 -4.71 -1.88 -1.58
CA SER A 126 -4.10 -2.67 -0.52
C SER A 126 -4.86 -3.95 -0.19
N ALA A 127 -6.21 -3.97 -0.38
CA ALA A 127 -7.07 -5.13 -0.14
C ALA A 127 -6.84 -6.21 -1.21
N ALA A 128 -6.74 -5.79 -2.49
CA ALA A 128 -6.46 -6.65 -3.65
C ALA A 128 -5.13 -7.36 -3.44
N SER A 129 -4.09 -6.59 -3.06
CA SER A 129 -2.74 -7.05 -2.79
C SER A 129 -2.70 -8.07 -1.66
N ALA A 130 -3.43 -7.82 -0.57
CA ALA A 130 -3.47 -8.69 0.60
C ALA A 130 -4.13 -10.04 0.31
N LEU A 131 -5.28 -10.02 -0.42
CA LEU A 131 -6.02 -11.22 -0.83
C LEU A 131 -5.15 -12.13 -1.71
N GLY A 132 -4.27 -11.53 -2.52
CA GLY A 132 -3.35 -12.22 -3.40
C GLY A 132 -2.27 -12.96 -2.64
N LYS A 133 -1.80 -12.35 -1.55
CA LYS A 133 -0.78 -12.90 -0.65
C LYS A 133 -1.36 -14.02 0.21
N ILE A 134 -2.66 -13.93 0.62
CA ILE A 134 -3.33 -14.95 1.43
C ILE A 134 -3.59 -16.20 0.56
N GLY A 135 -4.02 -16.00 -0.68
CA GLY A 135 -4.24 -17.08 -1.64
C GLY A 135 -5.52 -17.87 -1.48
N ASP A 136 -6.47 -17.37 -0.66
CA ASP A 136 -7.78 -18.00 -0.44
C ASP A 136 -8.64 -17.78 -1.69
N GLU A 137 -9.27 -18.88 -2.19
CA GLU A 137 -10.07 -18.85 -3.41
C GLU A 137 -11.43 -18.17 -3.23
N ARG A 138 -11.78 -17.79 -1.98
CA ARG A 138 -13.02 -17.04 -1.70
C ARG A 138 -12.95 -15.61 -2.33
N ALA A 139 -11.72 -15.12 -2.58
CA ALA A 139 -11.38 -13.81 -3.15
C ALA A 139 -11.49 -13.75 -4.67
N VAL A 140 -11.52 -14.91 -5.36
CA VAL A 140 -11.54 -15.01 -6.83
C VAL A 140 -12.67 -14.18 -7.48
N GLU A 141 -13.93 -14.33 -7.01
CA GLU A 141 -15.08 -13.59 -7.57
C GLU A 141 -14.97 -12.10 -7.25
N PRO A 142 -14.74 -11.65 -5.97
CA PRO A 142 -14.53 -10.20 -5.73
C PRO A 142 -13.41 -9.57 -6.56
N LEU A 143 -12.27 -10.28 -6.76
CA LEU A 143 -11.14 -9.78 -7.56
C LEU A 143 -11.47 -9.61 -9.03
N ILE A 144 -12.33 -10.50 -9.58
CA ILE A 144 -12.80 -10.45 -10.97
C ILE A 144 -13.68 -9.21 -11.14
N LYS A 145 -14.51 -8.90 -10.13
CA LYS A 145 -15.34 -7.69 -10.10
C LYS A 145 -14.40 -6.47 -10.05
N ALA A 146 -13.32 -6.53 -9.22
CA ALA A 146 -12.31 -5.46 -9.08
C ALA A 146 -11.51 -5.17 -10.37
N LEU A 147 -11.55 -6.10 -11.37
CA LEU A 147 -10.92 -5.89 -12.69
C LEU A 147 -11.65 -4.79 -13.47
N LYS A 148 -12.88 -4.44 -13.05
CA LYS A 148 -13.76 -3.42 -13.64
C LYS A 148 -13.70 -2.09 -12.83
N ASP A 149 -12.88 -2.01 -11.77
CA ASP A 149 -12.68 -0.82 -10.93
C ASP A 149 -12.34 0.43 -11.78
N GLU A 150 -12.79 1.61 -11.32
CA GLU A 150 -12.56 2.89 -12.00
C GLU A 150 -11.08 3.30 -12.01
N ASP A 151 -10.34 2.93 -10.93
CA ASP A 151 -8.92 3.21 -10.76
C ASP A 151 -8.00 2.15 -11.44
N PRO A 152 -7.10 2.58 -12.35
CA PRO A 152 -6.19 1.63 -13.03
C PRO A 152 -5.22 0.85 -12.14
N SER A 153 -4.73 1.45 -11.03
CA SER A 153 -3.83 0.77 -10.09
C SER A 153 -4.52 -0.39 -9.39
N VAL A 154 -5.78 -0.19 -8.99
CA VAL A 154 -6.60 -1.23 -8.34
C VAL A 154 -6.79 -2.40 -9.33
N ARG A 155 -7.04 -2.10 -10.62
CA ARG A 155 -7.25 -3.13 -11.65
C ARG A 155 -6.02 -4.00 -11.78
N MET A 156 -4.84 -3.36 -11.89
CA MET A 156 -3.54 -4.02 -11.97
C MET A 156 -3.24 -4.89 -10.75
N ALA A 157 -3.54 -4.39 -9.54
CA ALA A 157 -3.33 -5.15 -8.30
C ALA A 157 -4.28 -6.37 -8.21
N ALA A 158 -5.53 -6.26 -8.73
CA ALA A 158 -6.52 -7.35 -8.75
C ALA A 158 -6.06 -8.42 -9.75
N ALA A 159 -5.58 -7.99 -10.94
CA ALA A 159 -5.05 -8.89 -11.97
C ALA A 159 -3.82 -9.64 -11.44
N ASN A 160 -2.93 -8.93 -10.70
CA ASN A 160 -1.74 -9.54 -10.11
C ASN A 160 -2.13 -10.54 -9.01
N ALA A 161 -3.09 -10.17 -8.13
CA ALA A 161 -3.59 -11.01 -7.04
C ALA A 161 -4.21 -12.32 -7.55
N LEU A 162 -4.90 -12.25 -8.69
CA LEU A 162 -5.54 -13.39 -9.35
C LEU A 162 -4.50 -14.42 -9.85
N GLY A 163 -3.38 -13.92 -10.39
CA GLY A 163 -2.27 -14.75 -10.84
C GLY A 163 -1.56 -15.43 -9.68
N GLN A 164 -1.48 -14.71 -8.54
CA GLN A 164 -0.84 -15.15 -7.29
C GLN A 164 -1.63 -16.27 -6.62
N ILE A 165 -2.97 -16.23 -6.75
CA ILE A 165 -3.85 -17.25 -6.17
C ILE A 165 -3.71 -18.53 -7.00
N GLY A 166 -3.83 -18.39 -8.32
CA GLY A 166 -3.75 -19.48 -9.28
C GLY A 166 -4.83 -20.52 -9.05
N GLY A 167 -4.61 -21.72 -9.58
CA GLY A 167 -5.53 -22.84 -9.42
C GLY A 167 -6.62 -22.92 -10.47
N GLU A 168 -7.49 -23.92 -10.31
CA GLU A 168 -8.57 -24.26 -11.24
C GLU A 168 -9.72 -23.25 -11.25
N ARG A 169 -10.04 -22.65 -10.10
CA ARG A 169 -11.12 -21.67 -9.96
C ARG A 169 -10.80 -20.37 -10.71
N VAL A 170 -9.52 -19.94 -10.67
CA VAL A 170 -9.03 -18.74 -11.37
C VAL A 170 -9.07 -19.01 -12.89
N ARG A 171 -8.55 -20.17 -13.32
CA ARG A 171 -8.54 -20.56 -14.73
C ARG A 171 -9.97 -20.58 -15.32
N ALA A 172 -10.93 -21.17 -14.58
CA ALA A 172 -12.34 -21.25 -14.99
C ALA A 172 -12.95 -19.85 -15.08
N ALA A 173 -12.66 -18.97 -14.10
CA ALA A 173 -13.14 -17.59 -14.10
C ALA A 173 -12.55 -16.81 -15.31
N MET A 174 -11.27 -17.07 -15.65
CA MET A 174 -10.60 -16.48 -16.81
C MET A 174 -11.23 -16.97 -18.10
N GLU A 175 -11.58 -18.28 -18.17
CA GLU A 175 -12.26 -18.89 -19.33
C GLU A 175 -13.56 -18.12 -19.67
N LYS A 176 -14.42 -17.88 -18.65
CA LYS A 176 -15.68 -17.13 -18.77
C LYS A 176 -15.41 -15.68 -19.18
N LEU A 177 -14.43 -15.01 -18.54
CA LEU A 177 -14.04 -13.64 -18.83
C LEU A 177 -13.53 -13.44 -20.25
N ALA A 178 -12.79 -14.44 -20.79
CA ALA A 178 -12.25 -14.41 -22.14
C ALA A 178 -13.36 -14.30 -23.20
N GLU A 179 -14.53 -14.90 -22.92
CA GLU A 179 -15.68 -14.88 -23.82
C GLU A 179 -16.61 -13.72 -23.54
N THR A 180 -17.16 -13.66 -22.30
CA THR A 180 -18.20 -12.73 -21.85
C THR A 180 -17.74 -11.30 -21.54
N GLY A 181 -16.47 -11.13 -21.15
CA GLY A 181 -15.91 -9.85 -20.73
C GLY A 181 -15.50 -8.87 -21.81
N THR A 182 -15.20 -7.64 -21.39
CA THR A 182 -14.75 -6.52 -22.25
C THR A 182 -13.50 -5.87 -21.63
N GLY A 183 -12.88 -4.98 -22.41
CA GLY A 183 -11.72 -4.17 -22.06
C GLY A 183 -10.52 -4.87 -21.44
N PHE A 184 -10.06 -4.30 -20.31
CA PHE A 184 -8.92 -4.77 -19.53
C PHE A 184 -9.12 -6.18 -18.94
N ALA A 185 -10.32 -6.44 -18.36
CA ALA A 185 -10.67 -7.73 -17.75
C ALA A 185 -10.58 -8.87 -18.79
N ARG A 186 -11.02 -8.58 -20.02
CA ARG A 186 -10.96 -9.52 -21.14
C ARG A 186 -9.48 -9.77 -21.52
N LYS A 187 -8.64 -8.72 -21.51
CA LYS A 187 -7.20 -8.80 -21.82
C LYS A 187 -6.42 -9.61 -20.76
N VAL A 188 -6.71 -9.40 -19.47
CA VAL A 188 -6.12 -10.09 -18.32
C VAL A 188 -6.38 -11.61 -18.44
N ALA A 189 -7.65 -11.97 -18.75
CA ALA A 189 -8.10 -13.34 -18.93
C ALA A 189 -7.40 -14.00 -20.12
N VAL A 190 -7.27 -13.25 -21.24
CA VAL A 190 -6.64 -13.69 -22.49
C VAL A 190 -5.14 -13.94 -22.27
N ASN A 191 -4.45 -13.03 -21.55
CA ASN A 191 -3.03 -13.19 -21.26
C ASN A 191 -2.77 -14.28 -20.20
N TYR A 192 -3.77 -14.55 -19.33
CA TYR A 192 -3.67 -15.59 -18.29
C TYR A 192 -3.67 -16.99 -18.94
N LEU A 193 -4.69 -17.29 -19.76
CA LEU A 193 -4.85 -18.58 -20.44
C LEU A 193 -3.68 -18.90 -21.39
N GLU A 194 -2.95 -17.86 -21.85
CA GLU A 194 -1.80 -18.01 -22.74
C GLU A 194 -0.50 -18.32 -21.99
N THR A 195 -0.46 -18.00 -20.68
CA THR A 195 0.70 -18.23 -19.83
C THR A 195 0.46 -19.34 -18.77
N HIS A 196 -0.70 -20.02 -18.84
CA HIS A 196 -1.08 -21.06 -17.88
C HIS A 196 -1.59 -22.37 -18.55
N LYS A 197 -1.24 -22.58 -19.84
CA LYS A 197 -1.57 -23.76 -20.64
C LYS A 197 -0.32 -24.21 -21.42
N GLY B 43 15.04 5.77 12.54
CA GLY B 43 15.73 7.03 12.81
C GLY B 43 14.90 8.02 13.61
N ASP B 44 14.80 9.28 13.11
CA ASP B 44 14.01 10.34 13.75
C ASP B 44 12.63 10.46 13.09
N GLU B 45 11.65 9.77 13.69
CA GLU B 45 10.27 9.76 13.21
C GLU B 45 9.47 11.00 13.61
N ARG B 46 9.99 11.78 14.58
CA ARG B 46 9.35 12.98 15.14
C ARG B 46 8.87 14.00 14.11
N ALA B 47 9.63 14.20 13.00
CA ALA B 47 9.31 15.17 11.94
C ALA B 47 8.29 14.69 10.89
N VAL B 48 8.22 13.37 10.68
CA VAL B 48 7.38 12.67 9.70
C VAL B 48 5.86 13.09 9.75
N PRO B 49 5.10 13.05 10.89
CA PRO B 49 3.69 13.48 10.85
C PRO B 49 3.43 14.91 10.31
N ALA B 50 4.23 15.92 10.71
CA ALA B 50 4.08 17.31 10.23
C ALA B 50 4.44 17.42 8.73
N LEU B 51 5.39 16.60 8.26
CA LEU B 51 5.78 16.56 6.83
C LEU B 51 4.68 15.96 5.96
N ILE B 52 3.96 14.96 6.49
CA ILE B 52 2.83 14.31 5.80
C ILE B 52 1.67 15.32 5.72
N GLU B 53 1.46 16.10 6.80
CA GLU B 53 0.46 17.17 6.86
C GLU B 53 0.82 18.30 5.89
N ALA B 54 2.12 18.58 5.70
CA ALA B 54 2.63 19.62 4.80
C ALA B 54 2.41 19.26 3.32
N LEU B 55 2.11 17.98 3.04
CA LEU B 55 1.76 17.48 1.72
C LEU B 55 0.31 17.90 1.35
N LYS B 56 -0.50 18.34 2.35
CA LYS B 56 -1.88 18.81 2.18
C LYS B 56 -1.98 20.35 2.13
N ASP B 57 -0.83 21.08 2.25
CA ASP B 57 -0.75 22.55 2.25
C ASP B 57 -1.30 23.15 0.95
N SER B 58 -1.91 24.35 1.03
CA SER B 58 -2.47 25.03 -0.15
C SER B 58 -1.40 25.56 -1.11
N ASP B 59 -0.15 25.72 -0.63
CA ASP B 59 0.99 26.16 -1.44
C ASP B 59 1.69 24.93 -2.06
N PRO B 60 1.64 24.75 -3.41
CA PRO B 60 2.29 23.58 -4.05
C PRO B 60 3.80 23.50 -3.84
N ASN B 61 4.43 24.65 -3.55
CA ASN B 61 5.87 24.75 -3.29
C ASN B 61 6.18 24.12 -1.95
N VAL B 62 5.26 24.30 -0.97
CA VAL B 62 5.33 23.72 0.38
C VAL B 62 5.14 22.20 0.27
N ARG B 63 4.15 21.77 -0.55
CA ARG B 63 3.85 20.35 -0.82
C ARG B 63 5.02 19.60 -1.49
N ALA B 64 5.68 20.25 -2.47
CA ALA B 64 6.84 19.69 -3.18
C ALA B 64 8.06 19.64 -2.24
N SER B 65 8.20 20.64 -1.35
CA SER B 65 9.28 20.75 -0.37
C SER B 65 9.18 19.58 0.64
N ALA B 66 7.94 19.33 1.13
CA ALA B 66 7.61 18.24 2.04
C ALA B 66 7.90 16.88 1.41
N ALA B 67 7.59 16.72 0.11
CA ALA B 67 7.85 15.49 -0.65
C ALA B 67 9.37 15.24 -0.76
N ASP B 68 10.16 16.31 -1.05
CA ASP B 68 11.62 16.28 -1.11
C ASP B 68 12.24 15.87 0.22
N ALA B 69 11.73 16.44 1.33
CA ALA B 69 12.19 16.16 2.69
C ALA B 69 11.95 14.69 3.09
N LEU B 70 10.74 14.17 2.80
CA LEU B 70 10.38 12.77 3.04
C LEU B 70 11.23 11.78 2.19
N GLY B 71 11.60 12.23 0.98
CA GLY B 71 12.48 11.51 0.06
C GLY B 71 13.90 11.34 0.59
N LYS B 72 14.48 12.43 1.12
CA LYS B 72 15.82 12.45 1.73
C LYS B 72 15.86 11.51 2.94
N LEU B 73 14.77 11.49 3.74
CA LEU B 73 14.63 10.61 4.90
C LEU B 73 14.57 9.12 4.49
N GLY B 74 13.94 8.84 3.34
CA GLY B 74 13.79 7.50 2.78
C GLY B 74 12.90 6.61 3.62
N ASP B 75 12.05 7.25 4.42
CA ASP B 75 11.14 6.68 5.40
C ASP B 75 9.90 5.99 4.80
N PRO B 76 9.70 4.68 5.08
CA PRO B 76 8.49 3.98 4.57
C PRO B 76 7.17 4.45 5.21
N GLU B 77 7.26 5.17 6.34
CA GLU B 77 6.12 5.76 7.04
C GLU B 77 5.32 6.76 6.20
N ALA B 78 5.90 7.26 5.09
CA ALA B 78 5.28 8.24 4.19
C ALA B 78 4.83 7.71 2.80
N VAL B 79 4.92 6.40 2.55
CA VAL B 79 4.56 5.80 1.24
C VAL B 79 3.10 6.10 0.84
N GLU B 80 2.12 5.86 1.73
CA GLU B 80 0.68 6.08 1.48
C GLU B 80 0.41 7.53 1.08
N ALA B 81 0.90 8.49 1.91
CA ALA B 81 0.79 9.93 1.70
C ALA B 81 1.40 10.38 0.37
N LEU B 82 2.59 9.84 0.02
CA LEU B 82 3.25 10.18 -1.24
C LEU B 82 2.58 9.55 -2.45
N ILE B 83 1.94 8.38 -2.25
CA ILE B 83 1.15 7.72 -3.30
C ILE B 83 -0.07 8.63 -3.63
N TYR B 84 -0.72 9.21 -2.58
CA TYR B 84 -1.83 10.17 -2.74
C TYR B 84 -1.33 11.43 -3.45
N ALA B 85 -0.11 11.91 -3.07
CA ALA B 85 0.55 13.07 -3.64
C ALA B 85 0.88 12.89 -5.15
N LEU B 86 0.91 11.63 -5.63
CA LEU B 86 1.11 11.30 -7.05
C LEU B 86 -0.13 11.71 -7.88
N ARG B 87 -1.29 11.99 -7.23
CA ARG B 87 -2.51 12.42 -7.88
C ARG B 87 -2.85 13.89 -7.61
N ASP B 88 -1.83 14.66 -7.18
CA ASP B 88 -1.96 16.09 -6.90
C ASP B 88 -2.26 16.83 -8.20
N LYS B 89 -3.02 17.94 -8.11
CA LYS B 89 -3.40 18.81 -9.24
C LYS B 89 -2.16 19.46 -9.91
N ASP B 90 -1.06 19.65 -9.15
CA ASP B 90 0.18 20.27 -9.59
C ASP B 90 1.24 19.22 -10.01
N GLY B 91 1.80 19.43 -11.20
CA GLY B 91 2.81 18.56 -11.82
C GLY B 91 4.16 18.60 -11.13
N TYR B 92 4.50 19.74 -10.54
CA TYR B 92 5.75 19.94 -9.80
C TYR B 92 5.74 19.08 -8.49
N VAL B 93 4.53 18.87 -7.90
CA VAL B 93 4.30 18.07 -6.69
C VAL B 93 4.36 16.56 -7.03
N ARG B 94 3.67 16.18 -8.13
CA ARG B 94 3.63 14.80 -8.65
C ARG B 94 5.06 14.32 -8.95
N PHE B 95 5.87 15.18 -9.58
CA PHE B 95 7.28 14.93 -9.89
C PHE B 95 8.07 14.66 -8.59
N SER B 96 7.88 15.52 -7.57
CA SER B 96 8.55 15.45 -6.28
C SER B 96 8.13 14.22 -5.47
N ALA B 97 6.82 13.85 -5.51
CA ALA B 97 6.29 12.67 -4.84
C ALA B 97 6.86 11.39 -5.49
N ALA B 98 6.89 11.33 -6.85
CA ALA B 98 7.46 10.21 -7.63
C ALA B 98 8.93 9.98 -7.25
N LEU B 99 9.76 11.05 -7.23
CA LEU B 99 11.17 10.95 -6.83
C LEU B 99 11.36 10.44 -5.39
N ALA B 100 10.53 10.92 -4.47
CA ALA B 100 10.55 10.55 -3.05
C ALA B 100 10.20 9.08 -2.87
N LEU B 101 9.20 8.57 -3.64
CA LEU B 101 8.79 7.16 -3.65
C LEU B 101 9.90 6.21 -4.13
N GLY B 102 10.70 6.67 -5.08
CA GLY B 102 11.85 5.96 -5.62
C GLY B 102 12.95 5.76 -4.58
N LYS B 103 13.24 6.81 -3.81
CA LYS B 103 14.21 6.82 -2.70
C LYS B 103 13.75 5.98 -1.48
N ILE B 104 12.43 5.91 -1.21
CA ILE B 104 11.91 5.07 -0.13
C ILE B 104 12.05 3.56 -0.49
N GLY B 105 11.79 3.24 -1.75
CA GLY B 105 11.97 1.90 -2.30
C GLY B 105 10.93 0.85 -1.93
N ASP B 106 9.79 1.28 -1.39
CA ASP B 106 8.71 0.36 -1.02
C ASP B 106 7.84 0.03 -2.26
N ALA B 107 7.59 -1.28 -2.48
CA ALA B 107 6.85 -1.81 -3.63
C ALA B 107 5.36 -1.42 -3.69
N ALA B 108 4.79 -0.82 -2.61
CA ALA B 108 3.39 -0.36 -2.57
C ALA B 108 3.13 0.72 -3.63
N ALA B 109 4.19 1.47 -4.00
CA ALA B 109 4.18 2.52 -5.02
C ALA B 109 4.21 2.02 -6.49
N VAL B 110 4.54 0.75 -6.74
CA VAL B 110 4.70 0.13 -8.08
C VAL B 110 3.51 0.42 -9.06
N TYR B 111 2.25 0.04 -8.76
CA TYR B 111 1.12 0.31 -9.68
C TYR B 111 0.79 1.81 -9.83
N PRO B 112 0.72 2.62 -8.73
CA PRO B 112 0.51 4.08 -8.91
C PRO B 112 1.59 4.76 -9.78
N LEU B 113 2.87 4.32 -9.65
CA LEU B 113 3.97 4.85 -10.44
C LEU B 113 3.86 4.40 -11.89
N ILE B 114 3.42 3.13 -12.10
CA ILE B 114 3.19 2.58 -13.45
C ILE B 114 2.10 3.46 -14.15
N GLN B 115 1.04 3.80 -13.40
CA GLN B 115 -0.05 4.66 -13.88
C GLN B 115 0.48 6.09 -14.17
N ALA B 116 1.47 6.57 -13.37
CA ALA B 116 2.10 7.88 -13.57
C ALA B 116 3.01 7.93 -14.83
N LEU B 117 3.25 6.77 -15.50
CA LEU B 117 3.96 6.73 -16.77
C LEU B 117 3.07 7.31 -17.91
N GLU B 118 1.73 7.34 -17.71
CA GLU B 118 0.78 7.89 -18.69
C GLU B 118 0.27 9.28 -18.27
N ASP B 119 1.06 9.99 -17.42
CA ASP B 119 0.75 11.34 -16.93
C ASP B 119 0.84 12.35 -18.07
N GLU B 120 -0.06 13.36 -18.06
CA GLU B 120 -0.13 14.45 -19.06
C GLU B 120 1.19 15.26 -19.13
N ASP B 121 1.84 15.45 -17.97
CA ASP B 121 3.11 16.16 -17.80
C ASP B 121 4.25 15.17 -18.08
N SER B 122 5.03 15.44 -19.15
CA SER B 122 6.15 14.63 -19.61
C SER B 122 7.28 14.45 -18.56
N ARG B 123 7.49 15.46 -17.68
CA ARG B 123 8.51 15.43 -16.63
C ARG B 123 8.16 14.38 -15.55
N VAL B 124 6.86 14.33 -15.16
CA VAL B 124 6.30 13.38 -14.19
C VAL B 124 6.56 11.94 -14.69
N ARG B 125 6.37 11.72 -16.01
CA ARG B 125 6.61 10.44 -16.68
C ARG B 125 8.01 9.87 -16.40
N TRP B 126 9.09 10.65 -16.64
CA TRP B 126 10.43 10.13 -16.37
C TRP B 126 10.79 10.14 -14.87
N SER B 127 10.10 10.91 -14.00
CA SER B 127 10.37 10.82 -12.55
C SER B 127 9.76 9.54 -12.00
N ALA B 128 8.63 9.10 -12.60
CA ALA B 128 7.92 7.87 -12.25
C ALA B 128 8.76 6.66 -12.70
N ALA B 129 9.32 6.74 -13.92
CA ALA B 129 10.17 5.73 -14.52
C ALA B 129 11.47 5.60 -13.72
N TYR B 130 12.01 6.74 -13.20
CA TYR B 130 13.22 6.74 -12.40
C TYR B 130 12.96 6.05 -11.05
N ALA B 131 11.79 6.32 -10.46
CA ALA B 131 11.34 5.75 -9.20
C ALA B 131 11.19 4.24 -9.30
N LEU B 132 10.50 3.76 -10.38
CA LEU B 132 10.32 2.33 -10.65
C LEU B 132 11.66 1.60 -10.80
N GLY B 133 12.62 2.26 -11.47
CA GLY B 133 13.99 1.76 -11.67
C GLY B 133 14.72 1.59 -10.35
N GLN B 134 14.54 2.56 -9.44
CA GLN B 134 15.14 2.55 -8.10
C GLN B 134 14.53 1.48 -7.22
N ILE B 135 13.18 1.30 -7.28
CA ILE B 135 12.47 0.29 -6.48
C ILE B 135 12.92 -1.14 -6.89
N GLY B 136 13.17 -1.35 -8.18
CA GLY B 136 13.68 -2.60 -8.71
C GLY B 136 12.75 -3.81 -8.69
N ASP B 137 11.44 -3.56 -8.84
CA ASP B 137 10.41 -4.61 -8.89
C ASP B 137 10.22 -5.07 -10.35
N PRO B 138 10.25 -6.41 -10.60
CA PRO B 138 10.12 -6.94 -11.98
C PRO B 138 8.88 -6.52 -12.79
N ARG B 139 7.72 -6.29 -12.11
CA ARG B 139 6.45 -5.90 -12.76
C ARG B 139 6.57 -4.63 -13.61
N ALA B 140 7.47 -3.71 -13.24
CA ALA B 140 7.72 -2.46 -13.96
C ALA B 140 8.23 -2.68 -15.40
N GLU B 141 9.10 -3.70 -15.59
CA GLU B 141 9.69 -4.04 -16.90
C GLU B 141 8.62 -4.27 -17.99
N GLU B 142 7.65 -5.17 -17.69
CA GLU B 142 6.51 -5.50 -18.56
C GLU B 142 5.67 -4.27 -18.85
N ALA B 143 5.41 -3.44 -17.81
CA ALA B 143 4.66 -2.19 -17.89
C ALA B 143 5.31 -1.17 -18.86
N LEU B 144 6.67 -1.02 -18.79
CA LEU B 144 7.42 -0.10 -19.67
C LEU B 144 7.31 -0.49 -21.14
N ARG B 145 7.41 -1.80 -21.44
CA ARG B 145 7.28 -2.34 -22.80
C ARG B 145 5.83 -2.27 -23.31
N ARG B 146 4.84 -2.42 -22.37
CA ARG B 146 3.40 -2.33 -22.65
C ARG B 146 3.00 -0.87 -22.95
N ALA B 147 3.53 0.11 -22.15
CA ALA B 147 3.26 1.53 -22.32
C ALA B 147 3.81 2.06 -23.66
N ARG B 148 4.82 1.34 -24.21
CA ARG B 148 5.41 1.65 -25.51
C ARG B 148 4.44 1.23 -26.63
N GLU B 149 3.78 0.06 -26.46
CA GLU B 149 2.80 -0.53 -27.41
C GLU B 149 1.53 0.33 -27.55
N ASP B 150 1.01 0.85 -26.41
CA ASP B 150 -0.21 1.67 -26.32
C ASP B 150 -0.05 3.04 -27.02
N SER B 151 1.18 3.59 -27.03
CA SER B 151 1.53 4.87 -27.65
C SER B 151 1.76 4.70 -29.17
N ASP B 152 2.31 3.54 -29.58
CA ASP B 152 2.63 3.18 -30.96
C ASP B 152 1.39 2.95 -31.84
N TRP B 153 0.28 2.46 -31.24
CA TRP B 153 -0.99 2.18 -31.93
C TRP B 153 -1.67 3.45 -32.42
#